data_7JHZ
#
_entry.id   7JHZ
#
_cell.length_a   112.192
_cell.length_b   63.390
_cell.length_c   72.260
_cell.angle_alpha   90.000
_cell.angle_beta   91.150
_cell.angle_gamma   90.000
#
_symmetry.space_group_name_H-M   'C 1 2 1'
#
loop_
_entity.id
_entity.type
_entity.pdbx_description
1 polymer 'Outer capsid protein VP4'
2 branched alpha-L-fucopyranose-(1-2)-beta-D-galactopyranose-(1-3)-[alpha-L-fucopyranose-(1-4)]2-acetamido-2-deoxy-beta-D-glucopyranose-(1-3)-beta-D-galactopyranose-(1-4)-beta-D-glucopyranose
3 branched alpha-L-fucopyranose-(1-2)-beta-D-galactopyranose-(1-3)-[alpha-L-fucopyranose-(1-4)]2-acetamido-2-deoxy-beta-D-glucopyranose-(1-3)-beta-D-galactopyranose
4 non-polymer GLYCEROL
5 water water
#
_entity_poly.entity_id   1
_entity_poly.type   'polypeptide(L)'
_entity_poly.pdbx_seq_one_letter_code
;ILDGPYQPTTFTPPTDYWILINSNTNGVVYESTNNSDFWTAVIAVEPHVNPVDRQYNVFGENKQFNVRNDSDKWKFLEMF
RGSSQNDFYNRRTLTSDTRLVGILKYGGRIWTFHGETPRATTDSSNTANLNGISITIHSEFYIIPRSQESKCNEYINNGL
;
_entity_poly.pdbx_strand_id   A,B,C
#
loop_
_chem_comp.id
_chem_comp.type
_chem_comp.name
_chem_comp.formula
BGC D-saccharide, beta linking beta-D-glucopyranose 'C6 H12 O6'
FUC L-saccharide, alpha linking alpha-L-fucopyranose 'C6 H12 O5'
GAL D-saccharide, beta linking beta-D-galactopyranose 'C6 H12 O6'
GOL non-polymer GLYCEROL 'C3 H8 O3'
NAG D-saccharide, beta linking 2-acetamido-2-deoxy-beta-D-glucopyranose 'C8 H15 N O6'
#
# COMPACT_ATOMS: atom_id res chain seq x y z
N LEU A 2 -41.23 -15.58 -8.25
CA LEU A 2 -42.16 -15.37 -9.42
C LEU A 2 -41.60 -16.11 -10.66
N ASP A 3 -40.60 -15.56 -11.35
CA ASP A 3 -39.99 -16.18 -12.55
C ASP A 3 -38.91 -17.17 -12.12
N GLY A 4 -39.05 -18.44 -12.51
CA GLY A 4 -38.08 -19.52 -12.24
C GLY A 4 -38.78 -20.77 -11.74
N PRO A 5 -38.04 -21.77 -11.22
CA PRO A 5 -36.61 -21.61 -10.94
C PRO A 5 -35.80 -21.73 -12.23
N TYR A 6 -34.68 -21.01 -12.31
CA TYR A 6 -33.62 -21.21 -13.32
C TYR A 6 -32.52 -22.09 -12.73
N GLN A 7 -31.85 -22.86 -13.57
CA GLN A 7 -30.80 -23.82 -13.11
C GLN A 7 -29.49 -23.05 -12.94
N PRO A 8 -28.58 -23.56 -12.08
CA PRO A 8 -27.26 -22.96 -11.90
C PRO A 8 -26.63 -22.59 -13.25
N THR A 9 -26.08 -21.39 -13.34
CA THR A 9 -25.42 -20.88 -14.57
C THR A 9 -24.63 -19.62 -14.24
N THR A 10 -23.96 -19.10 -15.24
CA THR A 10 -23.20 -17.83 -15.18
C THR A 10 -23.92 -16.87 -16.13
N PHE A 11 -24.24 -15.66 -15.68
CA PHE A 11 -24.75 -14.62 -16.60
C PHE A 11 -24.53 -13.24 -16.00
N THR A 12 -24.70 -12.22 -16.86
CA THR A 12 -24.62 -10.80 -16.49
C THR A 12 -26.04 -10.35 -16.14
N PRO A 13 -26.38 -10.11 -14.86
CA PRO A 13 -27.75 -9.66 -14.54
C PRO A 13 -28.10 -8.30 -15.14
N PRO A 14 -29.34 -8.04 -15.61
CA PRO A 14 -29.73 -6.68 -16.02
C PRO A 14 -30.06 -5.88 -14.76
N THR A 15 -30.10 -4.55 -14.80
CA THR A 15 -30.38 -3.73 -13.58
C THR A 15 -31.87 -3.88 -13.22
N ASP A 16 -32.23 -3.61 -11.96
CA ASP A 16 -33.62 -3.45 -11.45
C ASP A 16 -34.34 -4.78 -11.18
N TYR A 17 -33.65 -5.92 -11.08
CA TYR A 17 -34.26 -7.27 -10.87
C TYR A 17 -33.57 -7.97 -9.71
N TRP A 18 -34.32 -8.32 -8.67
CA TRP A 18 -33.82 -9.18 -7.58
C TRP A 18 -33.53 -10.58 -8.12
N ILE A 19 -32.31 -11.06 -7.89
CA ILE A 19 -31.96 -12.50 -8.05
C ILE A 19 -32.10 -13.14 -6.67
N LEU A 20 -32.98 -14.13 -6.58
CA LEU A 20 -33.28 -14.85 -5.33
C LEU A 20 -32.76 -16.27 -5.47
N ILE A 21 -31.75 -16.62 -4.70
CA ILE A 21 -31.06 -17.93 -4.85
C ILE A 21 -31.55 -18.84 -3.73
N ASN A 22 -32.04 -20.01 -4.11
CA ASN A 22 -32.54 -21.04 -3.17
C ASN A 22 -31.38 -21.95 -2.79
N SER A 23 -30.60 -21.51 -1.80
CA SER A 23 -29.34 -22.19 -1.43
C SER A 23 -29.65 -23.61 -0.97
N ASN A 24 -29.04 -24.62 -1.56
CA ASN A 24 -29.42 -26.02 -1.27
C ASN A 24 -28.17 -26.83 -0.94
N THR A 25 -27.08 -26.18 -0.52
CA THR A 25 -25.83 -26.88 -0.11
C THR A 25 -24.98 -25.97 0.79
N ASN A 26 -23.88 -26.53 1.30
CA ASN A 26 -23.04 -25.90 2.34
C ASN A 26 -21.72 -25.46 1.71
N GLY A 27 -21.72 -24.96 0.49
CA GLY A 27 -20.48 -24.41 -0.08
C GLY A 27 -20.61 -23.02 -0.63
N VAL A 28 -20.02 -22.75 -1.80
CA VAL A 28 -20.17 -21.44 -2.49
C VAL A 28 -21.57 -21.38 -3.12
N VAL A 29 -22.28 -20.28 -2.86
CA VAL A 29 -23.68 -20.06 -3.33
C VAL A 29 -23.64 -19.31 -4.64
N TYR A 30 -22.88 -18.21 -4.68
CA TYR A 30 -22.59 -17.47 -5.92
C TYR A 30 -21.23 -16.80 -5.80
N GLU A 31 -20.63 -16.57 -6.98
CA GLU A 31 -19.40 -15.76 -7.21
C GLU A 31 -19.79 -14.65 -8.18
N SER A 32 -19.50 -13.42 -7.81
CA SER A 32 -19.80 -12.22 -8.62
C SER A 32 -18.55 -11.35 -8.73
N THR A 33 -18.20 -10.97 -9.95
CA THR A 33 -17.06 -10.06 -10.21
C THR A 33 -17.27 -9.28 -11.50
N ASN A 34 -16.61 -8.12 -11.57
CA ASN A 34 -16.41 -7.34 -12.81
C ASN A 34 -14.93 -7.40 -13.19
N ASN A 35 -14.12 -8.15 -12.43
CA ASN A 35 -12.66 -8.28 -12.65
C ASN A 35 -11.96 -6.92 -12.61
N SER A 36 -12.48 -5.94 -11.87
CA SER A 36 -11.78 -4.64 -11.68
C SER A 36 -11.83 -4.21 -10.21
N ASP A 37 -13.01 -3.95 -9.69
CA ASP A 37 -13.15 -3.29 -8.36
C ASP A 37 -14.17 -4.05 -7.52
N PHE A 38 -14.61 -5.23 -7.95
CA PHE A 38 -15.71 -5.94 -7.23
C PHE A 38 -15.51 -7.45 -7.35
N TRP A 39 -15.25 -8.09 -6.22
CA TRP A 39 -15.33 -9.56 -6.05
C TRP A 39 -16.21 -9.84 -4.84
N THR A 40 -17.26 -10.63 -5.00
CA THR A 40 -18.09 -11.12 -3.87
C THR A 40 -18.35 -12.61 -4.08
N ALA A 41 -18.07 -13.40 -3.06
CA ALA A 41 -18.49 -14.80 -3.00
C ALA A 41 -19.30 -14.97 -1.74
N VAL A 42 -20.45 -15.65 -1.85
CA VAL A 42 -21.25 -16.01 -0.65
C VAL A 42 -20.99 -17.49 -0.36
N ILE A 43 -20.51 -17.77 0.84
CA ILE A 43 -20.28 -19.13 1.38
C ILE A 43 -21.44 -19.50 2.32
N ALA A 44 -22.07 -20.66 2.12
CA ALA A 44 -23.13 -21.21 2.98
C ALA A 44 -22.51 -22.13 4.04
N VAL A 45 -22.83 -21.87 5.30
CA VAL A 45 -22.35 -22.65 6.47
C VAL A 45 -23.58 -23.25 7.14
N GLU A 46 -23.61 -24.58 7.19
CA GLU A 46 -24.72 -25.34 7.81
C GLU A 46 -24.85 -24.96 9.27
N PRO A 47 -26.04 -25.11 9.86
CA PRO A 47 -26.20 -24.94 11.30
C PRO A 47 -25.23 -25.84 12.09
N HIS A 48 -24.75 -25.32 13.21
CA HIS A 48 -24.11 -26.17 14.25
C HIS A 48 -22.86 -26.82 13.71
N VAL A 49 -21.89 -26.01 13.38
CA VAL A 49 -20.52 -26.42 13.01
C VAL A 49 -19.55 -25.64 13.92
N ASN A 50 -18.55 -26.33 14.48
CA ASN A 50 -17.44 -25.65 15.19
C ASN A 50 -16.55 -24.94 14.18
N PRO A 51 -15.62 -24.06 14.63
CA PRO A 51 -14.70 -23.36 13.74
C PRO A 51 -13.85 -24.35 12.92
N VAL A 52 -13.96 -24.25 11.61
CA VAL A 52 -13.28 -25.16 10.63
C VAL A 52 -12.61 -24.31 9.56
N ASP A 53 -11.44 -24.72 9.09
CA ASP A 53 -10.79 -24.03 7.95
C ASP A 53 -11.13 -24.80 6.67
N ARG A 54 -12.06 -24.29 5.86
CA ARG A 54 -12.56 -24.98 4.64
C ARG A 54 -11.93 -24.35 3.41
N GLN A 55 -11.67 -25.19 2.41
CA GLN A 55 -11.13 -24.82 1.09
C GLN A 55 -12.31 -24.64 0.14
N TYR A 56 -12.34 -23.49 -0.53
CA TYR A 56 -13.29 -23.18 -1.62
C TYR A 56 -12.51 -22.83 -2.86
N ASN A 57 -13.02 -23.25 -4.02
CA ASN A 57 -12.56 -22.84 -5.35
C ASN A 57 -13.39 -21.61 -5.74
N VAL A 58 -12.85 -20.43 -5.49
CA VAL A 58 -13.53 -19.12 -5.77
C VAL A 58 -12.71 -18.36 -6.83
N PHE A 59 -13.38 -17.99 -7.93
CA PHE A 59 -12.81 -17.31 -9.11
C PHE A 59 -11.52 -17.98 -9.55
N GLY A 60 -11.51 -19.32 -9.58
CA GLY A 60 -10.41 -20.12 -10.14
C GLY A 60 -9.20 -20.17 -9.23
N GLU A 61 -9.37 -19.79 -7.96
CA GLU A 61 -8.32 -19.86 -6.92
C GLU A 61 -8.82 -20.60 -5.67
N ASN A 62 -7.98 -21.47 -5.09
CA ASN A 62 -8.32 -22.19 -3.84
C ASN A 62 -8.08 -21.26 -2.66
N LYS A 63 -9.15 -20.91 -1.94
CA LYS A 63 -9.06 -20.01 -0.79
C LYS A 63 -9.47 -20.79 0.47
N GLN A 64 -8.74 -20.61 1.56
CA GLN A 64 -9.11 -21.16 2.87
C GLN A 64 -9.89 -20.08 3.61
N PHE A 65 -11.12 -20.38 3.98
CA PHE A 65 -11.89 -19.53 4.92
C PHE A 65 -12.18 -20.29 6.21
N ASN A 66 -11.94 -19.61 7.34
CA ASN A 66 -12.31 -20.09 8.68
C ASN A 66 -13.79 -19.75 8.91
N VAL A 67 -14.65 -20.76 9.00
CA VAL A 67 -16.10 -20.55 9.24
C VAL A 67 -16.55 -21.26 10.51
N ARG A 68 -17.67 -20.80 11.06
CA ARG A 68 -18.26 -21.36 12.29
C ARG A 68 -19.75 -21.06 12.29
N ASN A 69 -20.55 -21.89 12.95
CA ASN A 69 -22.00 -21.61 13.08
C ASN A 69 -22.54 -22.27 14.34
N ASP A 70 -22.84 -21.48 15.36
CA ASP A 70 -23.33 -22.02 16.66
C ASP A 70 -24.86 -21.93 16.70
N SER A 71 -25.50 -21.62 15.58
CA SER A 71 -26.96 -21.36 15.55
C SER A 71 -27.70 -22.50 14.86
N ASP A 72 -29.02 -22.47 14.95
CA ASP A 72 -29.95 -23.43 14.30
C ASP A 72 -30.20 -23.02 12.84
N LYS A 73 -29.66 -21.87 12.42
CA LYS A 73 -29.91 -21.22 11.11
C LYS A 73 -28.69 -21.38 10.24
N TRP A 74 -28.89 -21.26 8.94
CA TRP A 74 -27.80 -21.18 7.95
C TRP A 74 -27.08 -19.86 8.09
N LYS A 75 -25.76 -19.85 7.87
CA LYS A 75 -24.98 -18.59 7.81
C LYS A 75 -24.45 -18.42 6.38
N PHE A 76 -24.81 -17.33 5.74
CA PHE A 76 -24.33 -16.98 4.39
C PHE A 76 -23.31 -15.86 4.56
N LEU A 77 -22.05 -16.21 4.49
CA LEU A 77 -20.94 -15.24 4.67
C LEU A 77 -20.67 -14.56 3.32
N GLU A 78 -20.81 -13.25 3.25
CA GLU A 78 -20.33 -12.46 2.09
C GLU A 78 -18.83 -12.29 2.22
N MET A 79 -18.06 -12.84 1.27
CA MET A 79 -16.61 -12.58 1.24
C MET A 79 -16.36 -11.58 0.12
N PHE A 80 -15.72 -10.46 0.46
CA PHE A 80 -15.52 -9.33 -0.48
C PHE A 80 -14.05 -8.99 -0.63
N ARG A 81 -13.62 -8.63 -1.82
CA ARG A 81 -12.35 -7.88 -2.03
C ARG A 81 -12.53 -6.92 -3.18
N GLY A 82 -11.83 -5.80 -3.12
CA GLY A 82 -12.01 -4.65 -4.02
C GLY A 82 -10.93 -4.60 -5.09
N SER A 83 -10.06 -5.62 -5.14
CA SER A 83 -9.07 -5.78 -6.23
C SER A 83 -8.52 -7.19 -6.20
N SER A 84 -7.94 -7.64 -7.29
CA SER A 84 -7.30 -8.97 -7.42
C SER A 84 -6.20 -9.18 -6.38
N GLN A 85 -5.59 -8.10 -5.85
CA GLN A 85 -4.43 -8.20 -4.91
C GLN A 85 -4.95 -8.22 -3.47
N ASN A 86 -6.09 -7.61 -3.21
CA ASN A 86 -6.63 -7.42 -1.84
C ASN A 86 -7.02 -8.78 -1.26
N ASP A 87 -6.94 -8.93 0.04
CA ASP A 87 -7.39 -10.17 0.73
C ASP A 87 -8.91 -10.15 0.74
N PHE A 88 -9.58 -11.31 0.67
CA PHE A 88 -11.03 -11.39 0.96
C PHE A 88 -11.24 -11.13 2.44
N TYR A 89 -12.36 -10.50 2.80
CA TYR A 89 -12.80 -10.38 4.20
C TYR A 89 -14.32 -10.60 4.22
N ASN A 90 -14.80 -11.09 5.37
CA ASN A 90 -16.23 -11.29 5.65
C ASN A 90 -16.86 -9.93 5.87
N ARG A 91 -17.41 -9.33 4.81
CA ARG A 91 -17.96 -7.97 4.83
C ARG A 91 -19.33 -7.98 5.52
N ARG A 92 -20.14 -9.00 5.24
CA ARG A 92 -21.53 -9.09 5.76
C ARG A 92 -21.86 -10.54 6.07
N THR A 93 -22.80 -10.77 6.97
CA THR A 93 -23.38 -12.11 7.21
C THR A 93 -24.90 -12.06 7.19
N LEU A 94 -25.54 -13.00 6.49
CA LEU A 94 -26.97 -13.26 6.55
C LEU A 94 -27.21 -14.56 7.32
N THR A 95 -27.93 -14.49 8.44
CA THR A 95 -28.30 -15.66 9.26
C THR A 95 -29.77 -15.96 9.01
N SER A 96 -30.08 -17.13 8.46
CA SER A 96 -31.35 -17.40 7.78
C SER A 96 -31.81 -18.84 8.01
N ASP A 97 -33.09 -18.93 8.35
CA ASP A 97 -33.88 -20.19 8.38
C ASP A 97 -34.48 -20.43 6.99
N THR A 98 -34.53 -19.45 6.12
CA THR A 98 -35.26 -19.60 4.83
C THR A 98 -34.33 -20.12 3.73
N ARG A 99 -33.03 -19.87 3.85
CA ARG A 99 -31.97 -20.32 2.92
C ARG A 99 -32.06 -19.58 1.57
N LEU A 100 -32.69 -18.41 1.58
CA LEU A 100 -32.79 -17.54 0.39
C LEU A 100 -31.74 -16.43 0.50
N VAL A 101 -30.98 -16.27 -0.57
CA VAL A 101 -29.96 -15.19 -0.71
C VAL A 101 -30.39 -14.31 -1.86
N GLY A 102 -30.38 -12.99 -1.67
CA GLY A 102 -30.80 -12.06 -2.72
C GLY A 102 -29.73 -11.07 -3.10
N ILE A 103 -29.70 -10.75 -4.41
CA ILE A 103 -28.82 -9.71 -5.02
C ILE A 103 -29.62 -8.90 -6.03
N LEU A 104 -29.34 -7.60 -6.05
CA LEU A 104 -29.93 -6.60 -6.95
C LEU A 104 -28.84 -5.67 -7.43
N LYS A 105 -28.85 -5.39 -8.73
CA LYS A 105 -28.10 -4.27 -9.36
C LYS A 105 -29.05 -3.09 -9.52
N TYR A 106 -28.72 -1.96 -8.88
CA TYR A 106 -29.53 -0.73 -8.95
C TYR A 106 -28.74 0.48 -8.48
N GLY A 107 -28.87 1.59 -9.22
CA GLY A 107 -28.38 2.91 -8.78
C GLY A 107 -26.90 2.87 -8.49
N GLY A 108 -26.14 2.21 -9.36
CA GLY A 108 -24.67 2.12 -9.29
C GLY A 108 -24.21 1.27 -8.12
N ARG A 109 -25.12 0.48 -7.54
CA ARG A 109 -24.81 -0.33 -6.34
C ARG A 109 -25.30 -1.77 -6.51
N ILE A 110 -24.61 -2.67 -5.83
CA ILE A 110 -25.09 -4.06 -5.55
C ILE A 110 -25.75 -4.03 -4.17
N TRP A 111 -26.97 -4.54 -4.10
CA TRP A 111 -27.78 -4.61 -2.87
C TRP A 111 -27.88 -6.08 -2.48
N THR A 112 -27.60 -6.38 -1.22
CA THR A 112 -27.89 -7.72 -0.68
C THR A 112 -28.65 -7.61 0.63
N PHE A 113 -29.05 -8.73 1.21
CA PHE A 113 -29.65 -8.78 2.57
C PHE A 113 -28.61 -9.30 3.55
N HIS A 114 -28.52 -8.66 4.72
CA HIS A 114 -27.70 -9.13 5.85
C HIS A 114 -28.48 -9.04 7.17
N GLY A 115 -27.89 -9.55 8.23
CA GLY A 115 -28.51 -9.67 9.55
C GLY A 115 -29.24 -10.97 9.68
N GLU A 116 -30.23 -11.06 10.55
CA GLU A 116 -30.83 -12.35 10.97
C GLU A 116 -32.31 -12.36 10.66
N THR A 117 -32.78 -13.31 9.85
CA THR A 117 -34.22 -13.47 9.53
C THR A 117 -34.95 -13.66 10.86
N PRO A 118 -36.15 -13.09 11.06
CA PRO A 118 -36.95 -12.45 10.01
C PRO A 118 -36.80 -10.92 9.91
N ARG A 119 -35.71 -10.39 10.44
CA ARG A 119 -35.38 -8.93 10.39
C ARG A 119 -34.08 -8.67 9.63
N ALA A 120 -33.79 -9.45 8.60
CA ALA A 120 -32.66 -9.14 7.69
C ALA A 120 -33.03 -7.87 6.92
N THR A 121 -32.04 -6.98 6.73
CA THR A 121 -32.21 -5.71 5.99
C THR A 121 -31.27 -5.67 4.79
N THR A 122 -31.57 -4.78 3.87
CA THR A 122 -30.79 -4.60 2.63
C THR A 122 -29.58 -3.68 2.92
N ASP A 123 -28.47 -3.91 2.24
CA ASP A 123 -27.27 -3.05 2.33
C ASP A 123 -26.67 -2.97 0.94
N SER A 124 -25.82 -1.99 0.71
CA SER A 124 -25.30 -1.65 -0.64
C SER A 124 -23.78 -1.73 -0.64
N SER A 125 -23.22 -2.12 -1.78
CA SER A 125 -21.77 -2.03 -2.09
C SER A 125 -21.65 -1.15 -3.33
N ASN A 126 -20.76 -0.18 -3.32
CA ASN A 126 -20.49 0.69 -4.49
C ASN A 126 -19.59 -0.04 -5.47
N THR A 127 -19.73 0.28 -6.74
CA THR A 127 -18.80 -0.20 -7.80
C THR A 127 -18.66 0.90 -8.85
N ALA A 128 -17.51 1.02 -9.51
CA ALA A 128 -17.30 1.95 -10.64
C ALA A 128 -17.65 1.25 -11.96
N ASN A 129 -18.10 -0.01 -11.89
CA ASN A 129 -18.45 -0.76 -13.11
C ASN A 129 -19.51 -1.81 -12.77
N LEU A 130 -20.72 -1.33 -12.46
CA LEU A 130 -21.92 -2.16 -12.22
C LEU A 130 -22.23 -3.05 -13.44
N ASN A 131 -22.22 -2.47 -14.63
CA ASN A 131 -22.68 -3.16 -15.87
C ASN A 131 -21.78 -4.39 -16.12
N GLY A 132 -20.52 -4.34 -15.71
CA GLY A 132 -19.54 -5.42 -15.97
C GLY A 132 -19.62 -6.53 -14.94
N ILE A 133 -20.50 -6.42 -13.94
CA ILE A 133 -20.60 -7.49 -12.89
C ILE A 133 -21.40 -8.65 -13.47
N SER A 134 -20.79 -9.82 -13.52
CA SER A 134 -21.48 -11.09 -13.86
C SER A 134 -21.42 -12.02 -12.65
N ILE A 135 -22.26 -13.04 -12.67
CA ILE A 135 -22.45 -13.90 -11.49
C ILE A 135 -22.53 -15.34 -11.94
N THR A 136 -21.86 -16.21 -11.19
CA THR A 136 -22.01 -17.68 -11.30
C THR A 136 -22.83 -18.13 -10.09
N ILE A 137 -24.01 -18.70 -10.35
CA ILE A 137 -24.97 -19.15 -9.30
C ILE A 137 -24.92 -20.68 -9.26
N HIS A 138 -24.71 -21.20 -8.07
CA HIS A 138 -24.41 -22.65 -7.83
C HIS A 138 -25.71 -23.39 -7.50
N SER A 139 -26.79 -22.68 -7.26
CA SER A 139 -28.10 -23.26 -6.85
C SER A 139 -29.19 -22.76 -7.79
N GLU A 140 -30.39 -23.35 -7.74
CA GLU A 140 -31.56 -22.82 -8.51
C GLU A 140 -31.86 -21.40 -8.04
N PHE A 141 -32.34 -20.54 -8.94
CA PHE A 141 -32.64 -19.14 -8.58
C PHE A 141 -33.92 -18.64 -9.24
N TYR A 142 -34.42 -17.52 -8.75
CA TYR A 142 -35.62 -16.78 -9.25
C TYR A 142 -35.22 -15.36 -9.56
N ILE A 143 -36.02 -14.69 -10.40
CA ILE A 143 -35.81 -13.29 -10.86
C ILE A 143 -37.11 -12.55 -10.58
N ILE A 144 -37.05 -11.41 -9.87
CA ILE A 144 -38.30 -10.69 -9.47
C ILE A 144 -38.35 -9.30 -10.09
N TYR A 155 -39.92 -12.51 1.57
CA TYR A 155 -39.29 -13.59 0.75
C TYR A 155 -37.97 -14.07 1.37
N ILE A 156 -37.03 -13.14 1.56
CA ILE A 156 -35.73 -13.43 2.24
C ILE A 156 -36.02 -13.78 3.69
N ASN A 157 -36.90 -13.02 4.32
CA ASN A 157 -37.17 -13.13 5.78
C ASN A 157 -38.26 -14.18 6.00
N ASN A 158 -39.12 -14.42 5.01
CA ASN A 158 -40.42 -15.13 5.20
C ASN A 158 -40.46 -16.44 4.40
N GLY A 159 -39.64 -16.59 3.37
CA GLY A 159 -39.69 -17.70 2.42
C GLY A 159 -40.47 -17.32 1.18
N GLY B 4 3.05 -0.23 22.89
CA GLY B 4 4.41 0.40 22.83
C GLY B 4 4.75 1.17 24.09
N PRO B 5 5.39 2.36 24.01
CA PRO B 5 5.63 3.04 22.74
C PRO B 5 6.74 2.39 21.91
N TYR B 6 6.54 2.29 20.60
CA TYR B 6 7.59 1.89 19.63
C TYR B 6 8.29 3.12 19.08
N GLN B 7 9.56 2.95 18.72
CA GLN B 7 10.48 3.99 18.20
C GLN B 7 10.12 4.26 16.74
N PRO B 8 10.39 5.46 16.23
CA PRO B 8 10.18 5.74 14.81
C PRO B 8 10.85 4.66 13.95
N THR B 9 10.15 4.21 12.92
CA THR B 9 10.61 3.14 12.01
C THR B 9 9.79 3.16 10.73
N THR B 10 10.20 2.35 9.77
CA THR B 10 9.45 2.06 8.53
C THR B 10 9.02 0.61 8.61
N PHE B 11 7.74 0.30 8.44
CA PHE B 11 7.32 -1.13 8.35
C PHE B 11 5.99 -1.23 7.60
N THR B 12 5.62 -2.44 7.25
CA THR B 12 4.32 -2.75 6.62
C THR B 12 3.37 -3.15 7.74
N PRO B 13 2.37 -2.30 8.09
CA PRO B 13 1.44 -2.66 9.16
C PRO B 13 0.63 -3.91 8.81
N PRO B 14 0.31 -4.79 9.78
CA PRO B 14 -0.66 -5.85 9.54
C PRO B 14 -2.05 -5.20 9.58
N THR B 15 -3.07 -5.81 8.97
CA THR B 15 -4.45 -5.29 9.03
C THR B 15 -4.98 -5.43 10.47
N ASP B 16 -5.99 -4.64 10.85
CA ASP B 16 -6.86 -4.86 12.05
C ASP B 16 -6.22 -4.31 13.34
N TYR B 17 -5.24 -3.43 13.23
CA TYR B 17 -4.62 -2.74 14.40
C TYR B 17 -4.53 -1.25 14.11
N TRP B 18 -5.07 -0.44 15.00
CA TRP B 18 -4.86 1.03 14.99
C TRP B 18 -3.40 1.32 15.33
N ILE B 19 -2.75 2.11 14.48
CA ILE B 19 -1.44 2.73 14.81
C ILE B 19 -1.73 4.14 15.31
N LEU B 20 -1.33 4.40 16.56
CA LEU B 20 -1.59 5.68 17.25
C LEU B 20 -0.26 6.39 17.43
N ILE B 21 -0.09 7.51 16.74
CA ILE B 21 1.24 8.18 16.65
C ILE B 21 1.19 9.40 17.54
N ASN B 22 2.12 9.47 18.50
CA ASN B 22 2.20 10.57 19.50
C ASN B 22 3.09 11.65 18.92
N SER B 23 2.50 12.53 18.10
CA SER B 23 3.29 13.56 17.39
C SER B 23 3.95 14.48 18.41
N ASN B 24 5.26 14.67 18.29
CA ASN B 24 6.07 15.37 19.31
C ASN B 24 6.79 16.57 18.68
N THR B 25 6.47 16.98 17.45
CA THR B 25 7.06 18.14 16.77
C THR B 25 6.22 18.56 15.57
N ASN B 26 6.64 19.59 14.85
CA ASN B 26 5.98 19.97 13.59
C ASN B 26 6.77 19.28 12.48
N GLY B 27 6.31 19.40 11.25
CA GLY B 27 6.91 18.66 10.12
C GLY B 27 6.16 17.36 9.87
N VAL B 28 6.82 16.45 9.19
CA VAL B 28 6.19 15.21 8.66
C VAL B 28 6.03 14.21 9.82
N VAL B 29 4.82 13.69 10.00
CA VAL B 29 4.55 12.74 11.12
C VAL B 29 4.65 11.32 10.61
N TYR B 30 4.04 11.02 9.46
CA TYR B 30 4.19 9.71 8.80
C TYR B 30 4.03 9.90 7.28
N GLU B 31 4.66 9.00 6.54
CA GLU B 31 4.53 8.88 5.08
C GLU B 31 4.15 7.43 4.78
N SER B 32 3.09 7.26 4.00
CA SER B 32 2.50 5.94 3.66
C SER B 32 2.34 5.85 2.15
N THR B 33 2.83 4.79 1.54
CA THR B 33 2.58 4.50 0.11
C THR B 33 2.61 2.99 -0.16
N ASN B 34 1.96 2.60 -1.24
CA ASN B 34 2.11 1.27 -1.89
C ASN B 34 2.84 1.44 -3.21
N ASN B 35 3.27 2.66 -3.55
CA ASN B 35 4.00 2.99 -4.79
C ASN B 35 3.14 2.66 -6.03
N SER B 36 1.82 2.72 -5.93
CA SER B 36 0.95 2.56 -7.13
C SER B 36 -0.17 3.60 -7.14
N ASP B 37 -1.10 3.52 -6.19
CA ASP B 37 -2.35 4.32 -6.27
C ASP B 37 -2.58 5.04 -4.92
N PHE B 38 -1.62 5.02 -4.01
CA PHE B 38 -1.81 5.56 -2.65
C PHE B 38 -0.51 6.20 -2.16
N TRP B 39 -0.52 7.52 -2.01
CA TRP B 39 0.52 8.28 -1.27
C TRP B 39 -0.16 9.18 -0.25
N THR B 40 0.15 9.05 1.03
CA THR B 40 -0.33 9.97 2.08
C THR B 40 0.84 10.36 2.97
N ALA B 41 1.02 11.66 3.16
CA ALA B 41 1.91 12.20 4.18
C ALA B 41 1.08 13.08 5.09
N VAL B 42 1.28 12.94 6.41
CA VAL B 42 0.62 13.83 7.39
C VAL B 42 1.68 14.83 7.86
N ILE B 43 1.38 16.11 7.69
CA ILE B 43 2.21 17.25 8.15
C ILE B 43 1.58 17.85 9.41
N ALA B 44 2.36 18.02 10.47
CA ALA B 44 1.94 18.67 11.73
C ALA B 44 2.27 20.16 11.70
N VAL B 45 1.28 20.99 11.95
CA VAL B 45 1.41 22.48 12.01
C VAL B 45 1.04 22.92 13.40
N GLU B 46 1.99 23.50 14.12
CA GLU B 46 1.81 23.99 15.50
C GLU B 46 0.66 25.00 15.55
N PRO B 47 0.00 25.13 16.72
CA PRO B 47 -0.97 26.20 16.93
C PRO B 47 -0.38 27.57 16.59
N HIS B 48 -1.19 28.44 16.00
CA HIS B 48 -0.88 29.89 15.96
C HIS B 48 0.38 30.08 15.14
N VAL B 49 0.30 29.78 13.85
CA VAL B 49 1.34 30.21 12.88
C VAL B 49 0.61 30.84 11.70
N ASN B 50 1.14 31.97 11.22
CA ASN B 50 0.69 32.63 9.98
C ASN B 50 0.99 31.74 8.77
N PRO B 51 0.41 32.03 7.59
CA PRO B 51 0.72 31.29 6.36
C PRO B 51 2.21 31.36 6.02
N VAL B 52 2.85 30.19 5.96
CA VAL B 52 4.32 30.04 5.73
C VAL B 52 4.52 29.00 4.63
N ASP B 53 5.53 29.17 3.79
CA ASP B 53 5.91 28.16 2.79
C ASP B 53 7.04 27.30 3.37
N ARG B 54 6.73 26.10 3.83
CA ARG B 54 7.74 25.24 4.52
C ARG B 54 8.14 24.09 3.61
N GLN B 55 9.39 23.68 3.72
CA GLN B 55 9.97 22.61 2.89
C GLN B 55 9.96 21.32 3.71
N TYR B 56 9.40 20.26 3.16
CA TYR B 56 9.27 18.95 3.82
C TYR B 56 9.77 17.88 2.89
N ASN B 57 10.35 16.85 3.48
CA ASN B 57 10.92 15.68 2.77
C ASN B 57 9.81 14.62 2.72
N VAL B 58 9.06 14.59 1.63
CA VAL B 58 7.97 13.57 1.41
C VAL B 58 8.35 12.64 0.25
N PHE B 59 8.41 11.34 0.53
CA PHE B 59 8.72 10.24 -0.42
C PHE B 59 9.97 10.59 -1.22
N GLY B 60 11.00 11.06 -0.52
CA GLY B 60 12.35 11.23 -1.08
C GLY B 60 12.42 12.45 -1.98
N GLU B 61 11.45 13.35 -1.88
CA GLU B 61 11.43 14.66 -2.60
C GLU B 61 11.20 15.80 -1.60
N ASN B 62 11.92 16.91 -1.75
CA ASN B 62 11.68 18.14 -0.99
C ASN B 62 10.51 18.88 -1.65
N LYS B 63 9.41 19.02 -0.92
CA LYS B 63 8.19 19.67 -1.43
C LYS B 63 7.96 20.92 -0.58
N GLN B 64 7.57 22.02 -1.20
CA GLN B 64 7.13 23.24 -0.49
C GLN B 64 5.62 23.17 -0.33
N PHE B 65 5.17 23.19 0.91
CA PHE B 65 3.73 23.28 1.28
C PHE B 65 3.48 24.61 1.98
N ASN B 66 2.43 25.31 1.55
CA ASN B 66 1.91 26.50 2.23
C ASN B 66 1.00 26.03 3.38
N VAL B 67 1.41 26.29 4.62
CA VAL B 67 0.63 25.86 5.83
C VAL B 67 0.27 27.08 6.66
N ARG B 68 -0.78 26.97 7.46
CA ARG B 68 -1.28 28.04 8.33
C ARG B 68 -2.06 27.41 9.47
N ASN B 69 -2.07 28.04 10.64
CA ASN B 69 -2.91 27.56 11.76
C ASN B 69 -3.29 28.74 12.66
N ASP B 70 -4.54 29.17 12.59
CA ASP B 70 -5.03 30.32 13.40
C ASP B 70 -5.66 29.85 14.70
N SER B 71 -5.54 28.56 15.02
CA SER B 71 -6.25 27.91 16.13
C SER B 71 -5.31 27.66 17.31
N ASP B 72 -5.88 27.29 18.45
CA ASP B 72 -5.18 26.84 19.68
C ASP B 72 -4.74 25.37 19.59
N LYS B 73 -5.14 24.68 18.53
CA LYS B 73 -4.95 23.22 18.38
C LYS B 73 -3.91 23.00 17.28
N TRP B 74 -3.25 21.85 17.32
CA TRP B 74 -2.38 21.35 16.23
C TRP B 74 -3.24 21.04 15.02
N LYS B 75 -2.70 21.27 13.82
CA LYS B 75 -3.37 20.85 12.56
C LYS B 75 -2.50 19.78 11.91
N PHE B 76 -3.06 18.60 11.70
CA PHE B 76 -2.40 17.47 11.02
C PHE B 76 -3.04 17.39 9.63
N LEU B 77 -2.32 17.91 8.64
CA LEU B 77 -2.80 17.97 7.25
C LEU B 77 -2.49 16.64 6.58
N GLU B 78 -3.51 15.93 6.11
CA GLU B 78 -3.30 14.75 5.23
C GLU B 78 -3.00 15.27 3.82
N MET B 79 -1.80 15.00 3.31
CA MET B 79 -1.46 15.33 1.92
C MET B 79 -1.53 14.04 1.11
N PHE B 80 -2.35 14.03 0.07
CA PHE B 80 -2.64 12.81 -0.72
C PHE B 80 -2.29 13.04 -2.20
N ARG B 81 -1.82 11.99 -2.84
CA ARG B 81 -1.83 11.89 -4.32
C ARG B 81 -2.08 10.44 -4.69
N GLY B 82 -2.76 10.24 -5.82
CA GLY B 82 -3.22 8.92 -6.27
C GLY B 82 -2.32 8.35 -7.34
N SER B 83 -1.25 9.05 -7.68
CA SER B 83 -0.26 8.60 -8.70
C SER B 83 0.98 9.47 -8.62
N SER B 84 2.13 8.90 -8.95
CA SER B 84 3.48 9.48 -8.74
C SER B 84 3.65 10.80 -9.48
N GLN B 85 2.88 11.06 -10.55
CA GLN B 85 2.99 12.29 -11.38
C GLN B 85 2.05 13.40 -10.88
N ASN B 86 1.03 13.09 -10.07
CA ASN B 86 0.03 14.07 -9.59
C ASN B 86 0.61 14.91 -8.46
N ASP B 87 0.15 16.14 -8.35
CA ASP B 87 0.48 17.05 -7.22
C ASP B 87 -0.19 16.50 -5.93
N PHE B 88 0.46 16.66 -4.79
CA PHE B 88 -0.19 16.43 -3.48
C PHE B 88 -1.25 17.49 -3.26
N TYR B 89 -2.34 17.13 -2.59
CA TYR B 89 -3.32 18.12 -2.09
C TYR B 89 -3.75 17.71 -0.68
N ASN B 90 -4.17 18.71 0.08
CA ASN B 90 -4.69 18.56 1.46
C ASN B 90 -6.07 17.95 1.38
N ARG B 91 -6.17 16.63 1.46
CA ARG B 91 -7.45 15.91 1.31
C ARG B 91 -8.27 16.02 2.60
N ARG B 92 -7.62 15.95 3.76
CA ARG B 92 -8.29 15.94 5.07
C ARG B 92 -7.47 16.71 6.08
N THR B 93 -8.11 17.21 7.13
CA THR B 93 -7.40 17.83 8.28
C THR B 93 -7.92 17.26 9.60
N LEU B 94 -7.01 16.93 10.51
CA LEU B 94 -7.31 16.63 11.93
C LEU B 94 -6.83 17.80 12.78
N THR B 95 -7.74 18.46 13.50
CA THR B 95 -7.45 19.57 14.44
C THR B 95 -7.53 19.02 15.84
N SER B 96 -6.44 19.05 16.57
CA SER B 96 -6.23 18.23 17.79
C SER B 96 -5.42 18.98 18.83
N ASP B 97 -5.90 18.94 20.06
CA ASP B 97 -5.15 19.33 21.28
C ASP B 97 -4.36 18.14 21.83
N THR B 98 -4.64 16.92 21.39
CA THR B 98 -4.02 15.70 21.95
C THR B 98 -2.72 15.36 21.24
N ARG B 99 -2.62 15.75 19.95
CA ARG B 99 -1.43 15.52 19.09
C ARG B 99 -1.30 14.03 18.73
N LEU B 100 -2.40 13.29 18.86
CA LEU B 100 -2.42 11.84 18.50
C LEU B 100 -3.07 11.68 17.13
N VAL B 101 -2.40 10.96 16.25
CA VAL B 101 -2.84 10.70 14.86
C VAL B 101 -2.99 9.19 14.71
N GLY B 102 -4.06 8.76 14.05
CA GLY B 102 -4.36 7.33 13.95
C GLY B 102 -4.47 6.85 12.51
N ILE B 103 -3.99 5.62 12.28
CA ILE B 103 -4.17 4.94 10.97
C ILE B 103 -4.41 3.45 11.19
N LEU B 104 -5.32 2.91 10.38
CA LEU B 104 -5.76 1.50 10.38
C LEU B 104 -5.81 0.99 8.95
N LYS B 105 -5.28 -0.20 8.74
CA LYS B 105 -5.53 -1.02 7.53
C LYS B 105 -6.63 -2.02 7.83
N TYR B 106 -7.73 -1.95 7.08
CA TYR B 106 -8.84 -2.91 7.22
C TYR B 106 -9.77 -2.85 6.01
N GLY B 107 -10.19 -4.03 5.54
CA GLY B 107 -11.32 -4.18 4.60
C GLY B 107 -11.05 -3.43 3.32
N GLY B 108 -9.83 -3.54 2.82
CA GLY B 108 -9.37 -2.92 1.55
C GLY B 108 -9.22 -1.42 1.67
N ARG B 109 -9.22 -0.89 2.89
CA ARG B 109 -9.23 0.58 3.11
C ARG B 109 -8.18 0.98 4.15
N ILE B 110 -7.68 2.20 3.99
CA ILE B 110 -6.96 2.94 5.06
C ILE B 110 -7.98 3.82 5.75
N TRP B 111 -8.01 3.74 7.08
CA TRP B 111 -8.90 4.52 7.97
C TRP B 111 -8.04 5.52 8.71
N THR B 112 -8.44 6.78 8.73
CA THR B 112 -7.77 7.78 9.59
C THR B 112 -8.83 8.59 10.33
N PHE B 113 -8.40 9.49 11.22
CA PHE B 113 -9.30 10.43 11.93
C PHE B 113 -9.16 11.83 11.30
N HIS B 114 -10.29 12.49 11.15
CA HIS B 114 -10.34 13.89 10.66
C HIS B 114 -11.40 14.67 11.45
N GLY B 115 -11.38 15.99 11.25
CA GLY B 115 -12.23 16.93 11.98
C GLY B 115 -11.54 17.41 13.23
N GLU B 116 -12.29 17.85 14.23
CA GLU B 116 -11.72 18.61 15.37
C GLU B 116 -12.02 17.89 16.68
N THR B 117 -11.01 17.59 17.47
CA THR B 117 -11.17 16.98 18.82
C THR B 117 -12.05 17.93 19.59
N PRO B 118 -12.95 17.44 20.47
CA PRO B 118 -13.05 16.03 20.82
C PRO B 118 -14.11 15.22 20.04
N ARG B 119 -14.47 15.70 18.85
CA ARG B 119 -15.41 14.98 17.93
C ARG B 119 -14.74 14.66 16.60
N ALA B 120 -13.47 14.31 16.61
CA ALA B 120 -12.80 13.76 15.39
C ALA B 120 -13.41 12.39 15.07
N THR B 121 -13.68 12.13 13.80
CA THR B 121 -14.29 10.85 13.36
C THR B 121 -13.42 10.19 12.30
N THR B 122 -13.70 8.92 12.05
CA THR B 122 -12.92 8.08 11.10
C THR B 122 -13.42 8.34 9.68
N ASP B 123 -12.51 8.26 8.72
CA ASP B 123 -12.84 8.29 7.27
C ASP B 123 -11.96 7.26 6.58
N SER B 124 -12.35 6.83 5.40
CA SER B 124 -11.70 5.71 4.68
C SER B 124 -11.20 6.19 3.33
N SER B 125 -10.04 5.67 2.90
CA SER B 125 -9.52 5.84 1.53
C SER B 125 -9.40 4.45 0.91
N ASN B 126 -9.88 4.29 -0.31
CA ASN B 126 -9.81 3.02 -1.09
C ASN B 126 -8.40 2.88 -1.66
N THR B 127 -7.96 1.64 -1.80
CA THR B 127 -6.70 1.32 -2.52
C THR B 127 -6.87 -0.03 -3.20
N ALA B 128 -6.23 -0.23 -4.37
CA ALA B 128 -6.22 -1.50 -5.13
C ALA B 128 -5.09 -2.39 -4.58
N ASN B 129 -4.28 -1.89 -3.67
CA ASN B 129 -3.20 -2.72 -3.07
C ASN B 129 -2.94 -2.32 -1.62
N LEU B 130 -3.85 -2.71 -0.74
CA LEU B 130 -3.75 -2.46 0.72
C LEU B 130 -2.52 -3.16 1.32
N ASN B 131 -2.28 -4.41 0.94
CA ASN B 131 -1.19 -5.24 1.52
C ASN B 131 0.17 -4.60 1.24
N GLY B 132 0.32 -3.86 0.15
CA GLY B 132 1.60 -3.25 -0.27
C GLY B 132 1.83 -1.91 0.40
N ILE B 133 0.89 -1.42 1.23
CA ILE B 133 1.06 -0.10 1.91
C ILE B 133 2.01 -0.27 3.08
N SER B 134 3.12 0.47 3.04
CA SER B 134 4.08 0.55 4.17
C SER B 134 4.13 1.99 4.65
N ILE B 135 4.65 2.18 5.85
CA ILE B 135 4.56 3.49 6.54
C ILE B 135 5.91 3.76 7.17
N THR B 136 6.38 5.01 7.05
CA THR B 136 7.54 5.57 7.80
C THR B 136 6.98 6.52 8.86
N ILE B 137 7.18 6.19 10.13
CA ILE B 137 6.64 6.93 11.29
C ILE B 137 7.80 7.69 11.92
N HIS B 138 7.62 9.00 12.11
CA HIS B 138 8.69 9.93 12.51
C HIS B 138 8.68 10.10 14.04
N SER B 139 7.65 9.61 14.72
CA SER B 139 7.44 9.85 16.17
C SER B 139 7.20 8.51 16.87
N GLU B 140 7.26 8.49 18.20
CA GLU B 140 6.88 7.28 18.97
C GLU B 140 5.42 6.91 18.65
N PHE B 141 5.08 5.62 18.66
CA PHE B 141 3.70 5.19 18.33
C PHE B 141 3.27 4.01 19.20
N TYR B 142 1.96 3.76 19.20
CA TYR B 142 1.29 2.66 19.92
C TYR B 142 0.47 1.85 18.93
N ILE B 143 0.08 0.65 19.36
CA ILE B 143 -0.71 -0.35 18.59
C ILE B 143 -1.95 -0.69 19.42
N ILE B 144 -3.14 -0.51 18.87
CA ILE B 144 -4.41 -0.96 19.53
C ILE B 144 -5.16 -1.86 18.57
N PRO B 145 -5.56 -3.08 19.00
CA PRO B 145 -6.31 -3.98 18.13
C PRO B 145 -7.66 -3.34 17.76
N ARG B 146 -8.13 -3.54 16.53
CA ARG B 146 -9.41 -2.99 16.02
C ARG B 146 -10.57 -3.62 16.81
N CYS B 152 -10.17 4.15 21.85
CA CYS B 152 -9.23 4.53 20.76
C CYS B 152 -9.66 5.87 20.14
N ASN B 153 -10.94 5.97 19.77
CA ASN B 153 -11.63 7.25 19.54
C ASN B 153 -11.41 8.12 20.79
N GLU B 154 -11.65 7.54 21.98
CA GLU B 154 -11.33 8.16 23.30
C GLU B 154 -9.92 8.77 23.26
N TYR B 155 -8.91 7.96 22.88
CA TYR B 155 -7.46 8.29 22.92
C TYR B 155 -7.12 9.39 21.91
N ILE B 156 -7.59 9.27 20.67
CA ILE B 156 -7.49 10.34 19.64
C ILE B 156 -8.13 11.63 20.19
N ASN B 157 -9.35 11.54 20.71
CA ASN B 157 -10.19 12.71 21.09
C ASN B 157 -9.86 13.25 22.50
N ASN B 158 -9.26 12.47 23.41
CA ASN B 158 -9.04 12.94 24.82
C ASN B 158 -7.65 12.58 25.37
N GLY B 159 -7.00 11.51 24.89
CA GLY B 159 -5.57 11.23 25.16
C GLY B 159 -5.37 9.85 25.73
N ASP C 3 17.57 -2.57 -24.77
CA ASP C 3 16.17 -2.58 -24.21
C ASP C 3 15.98 -1.37 -23.26
N GLY C 4 15.05 -0.46 -23.61
CA GLY C 4 14.89 0.86 -22.97
C GLY C 4 15.27 1.99 -23.93
N PRO C 5 15.53 3.23 -23.44
CA PRO C 5 15.65 3.52 -22.01
C PRO C 5 14.32 3.65 -21.27
N TYR C 6 14.31 3.31 -19.99
CA TYR C 6 13.18 3.56 -19.07
C TYR C 6 13.43 4.87 -18.33
N GLN C 7 12.34 5.58 -18.00
CA GLN C 7 12.37 6.88 -17.30
C GLN C 7 12.57 6.62 -15.81
N PRO C 8 13.17 7.57 -15.07
CA PRO C 8 13.34 7.42 -13.63
C PRO C 8 12.05 6.95 -12.96
N THR C 9 12.16 5.98 -12.06
CA THR C 9 11.00 5.38 -11.34
C THR C 9 11.52 4.60 -10.14
N THR C 10 10.58 4.14 -9.33
CA THR C 10 10.79 3.22 -8.21
C THR C 10 10.14 1.89 -8.60
N PHE C 11 10.86 0.78 -8.49
CA PHE C 11 10.26 -0.55 -8.70
C PHE C 11 11.10 -1.62 -8.02
N THR C 12 10.57 -2.83 -7.95
CA THR C 12 11.26 -4.02 -7.40
C THR C 12 11.92 -4.74 -8.58
N PRO C 13 13.26 -4.71 -8.62
CA PRO C 13 14.00 -5.35 -9.70
C PRO C 13 13.69 -6.84 -9.80
N PRO C 14 13.58 -7.37 -11.04
CA PRO C 14 13.45 -8.81 -11.25
C PRO C 14 14.82 -9.43 -11.05
N THR C 15 14.86 -10.71 -10.72
CA THR C 15 16.12 -11.48 -10.57
C THR C 15 16.67 -11.69 -12.00
N ASP C 16 18.00 -11.73 -12.16
CA ASP C 16 18.69 -12.23 -13.39
C ASP C 16 18.76 -11.19 -14.52
N TYR C 17 18.55 -9.90 -14.25
CA TYR C 17 18.65 -8.81 -15.26
C TYR C 17 19.51 -7.69 -14.70
N TRP C 18 20.54 -7.32 -15.45
CA TRP C 18 21.35 -6.11 -15.19
C TRP C 18 20.49 -4.87 -15.40
N ILE C 19 20.46 -4.01 -14.39
CA ILE C 19 19.95 -2.61 -14.53
C ILE C 19 21.16 -1.72 -14.79
N LEU C 20 21.16 -1.07 -15.95
CA LEU C 20 22.27 -0.19 -16.39
C LEU C 20 21.77 1.24 -16.39
N ILE C 21 22.30 2.06 -15.48
CA ILE C 21 21.77 3.43 -15.26
C ILE C 21 22.72 4.41 -15.94
N ASN C 22 22.17 5.24 -16.81
CA ASN C 22 22.93 6.25 -17.57
C ASN C 22 22.95 7.54 -16.76
N SER C 23 23.88 7.63 -15.81
CA SER C 23 23.91 8.74 -14.83
C SER C 23 24.09 10.05 -15.58
N ASN C 24 23.19 11.03 -15.35
CA ASN C 24 23.25 12.30 -16.08
C ASN C 24 23.36 13.48 -15.11
N THR C 25 23.65 13.26 -13.82
CA THR C 25 23.69 14.30 -12.77
C THR C 25 24.83 14.09 -11.75
N ASN C 26 25.10 15.11 -10.96
CA ASN C 26 26.10 15.04 -9.86
C ASN C 26 25.43 14.90 -8.49
N GLY C 27 24.34 14.16 -8.40
CA GLY C 27 23.76 13.83 -7.08
C GLY C 27 23.50 12.37 -6.86
N VAL C 28 22.34 12.01 -6.30
CA VAL C 28 21.97 10.61 -6.06
C VAL C 28 21.56 9.97 -7.38
N VAL C 29 22.14 8.80 -7.69
CA VAL C 29 21.85 8.02 -8.93
C VAL C 29 20.71 7.04 -8.65
N TYR C 30 20.82 6.27 -7.58
CA TYR C 30 19.75 5.35 -7.14
C TYR C 30 19.85 5.14 -5.63
N GLU C 31 18.70 4.77 -5.06
CA GLU C 31 18.51 4.37 -3.65
C GLU C 31 17.88 2.98 -3.69
N SER C 32 18.45 2.04 -2.97
CA SER C 32 17.99 0.63 -2.94
C SER C 32 17.94 0.17 -1.49
N THR C 33 16.81 -0.37 -1.04
CA THR C 33 16.64 -0.91 0.32
C THR C 33 15.55 -1.97 0.35
N ASN C 34 15.65 -2.84 1.36
CA ASN C 34 14.58 -3.78 1.77
C ASN C 34 14.01 -3.32 3.10
N ASN C 35 14.51 -2.20 3.65
CA ASN C 35 14.09 -1.64 4.95
C ASN C 35 14.31 -2.68 6.06
N SER C 36 15.30 -3.56 5.90
CA SER C 36 15.71 -4.51 6.98
C SER C 36 17.23 -4.50 7.19
N ASP C 37 17.99 -5.03 6.24
CA ASP C 37 19.43 -5.27 6.47
C ASP C 37 20.24 -4.72 5.28
N PHE C 38 19.63 -3.93 4.40
CA PHE C 38 20.30 -3.53 3.14
C PHE C 38 19.82 -2.13 2.74
N TRP C 39 20.71 -1.14 2.82
CA TRP C 39 20.53 0.20 2.23
C TRP C 39 21.75 0.53 1.39
N THR C 40 21.55 0.88 0.13
CA THR C 40 22.62 1.42 -0.76
C THR C 40 22.09 2.64 -1.47
N ALA C 41 22.86 3.71 -1.42
CA ALA C 41 22.69 4.90 -2.27
C ALA C 41 23.97 5.07 -3.07
N VAL C 42 23.85 5.32 -4.37
CA VAL C 42 25.03 5.69 -5.19
C VAL C 42 24.98 7.19 -5.46
N ILE C 43 26.02 7.89 -5.03
CA ILE C 43 26.23 9.35 -5.22
C ILE C 43 27.21 9.57 -6.37
N ALA C 44 26.86 10.41 -7.33
CA ALA C 44 27.74 10.81 -8.46
C ALA C 44 28.47 12.10 -8.10
N VAL C 45 29.79 12.08 -8.23
CA VAL C 45 30.67 13.24 -7.97
C VAL C 45 31.38 13.57 -9.29
N GLU C 46 31.13 14.77 -9.79
CA GLU C 46 31.74 15.26 -11.06
C GLU C 46 33.27 15.25 -10.92
N PRO C 47 33.98 15.18 -12.04
CA PRO C 47 35.43 15.32 -12.01
C PRO C 47 35.86 16.65 -11.39
N HIS C 48 36.97 16.60 -10.66
CA HIS C 48 37.70 17.84 -10.26
C HIS C 48 36.82 18.69 -9.36
N VAL C 49 36.54 18.15 -8.21
CA VAL C 49 35.81 18.76 -7.08
C VAL C 49 36.71 18.69 -5.83
N ASN C 50 36.93 19.78 -5.11
CA ASN C 50 37.77 19.67 -3.90
C ASN C 50 36.90 19.11 -2.79
N PRO C 51 37.46 18.71 -1.61
CA PRO C 51 36.66 18.19 -0.51
C PRO C 51 35.58 19.18 -0.07
N VAL C 52 34.31 18.76 -0.16
CA VAL C 52 33.17 19.65 0.15
C VAL C 52 32.14 18.86 0.93
N ASP C 53 31.38 19.54 1.78
CA ASP C 53 30.24 18.95 2.52
C ASP C 53 28.96 19.16 1.73
N ARG C 54 28.46 18.13 1.07
CA ARG C 54 27.23 18.21 0.24
C ARG C 54 26.07 17.58 1.00
N GLN C 55 24.88 18.16 0.82
CA GLN C 55 23.63 17.67 1.45
C GLN C 55 22.90 16.83 0.40
N TYR C 56 22.54 15.60 0.76
CA TYR C 56 21.84 14.65 -0.11
C TYR C 56 20.61 14.15 0.60
N ASN C 57 19.52 13.97 -0.16
CA ASN C 57 18.26 13.38 0.30
C ASN C 57 18.36 11.88 0.02
N VAL C 58 18.77 11.10 1.04
CA VAL C 58 18.80 9.61 0.90
C VAL C 58 17.81 8.97 1.88
N PHE C 59 16.92 8.15 1.32
CA PHE C 59 15.85 7.38 2.01
C PHE C 59 15.08 8.32 2.92
N GLY C 60 14.73 9.50 2.39
CA GLY C 60 13.80 10.44 3.02
C GLY C 60 14.46 11.19 4.17
N GLU C 61 15.79 11.16 4.24
CA GLU C 61 16.57 11.93 5.26
C GLU C 61 17.67 12.75 4.57
N ASN C 62 17.87 13.98 5.02
CA ASN C 62 18.96 14.87 4.55
C ASN C 62 20.23 14.45 5.27
N LYS C 63 21.22 13.98 4.53
CA LYS C 63 22.52 13.58 5.09
C LYS C 63 23.59 14.50 4.52
N GLN C 64 24.53 14.93 5.34
CA GLN C 64 25.74 15.65 4.87
C GLN C 64 26.84 14.62 4.66
N PHE C 65 27.34 14.52 3.43
CA PHE C 65 28.53 13.71 3.10
C PHE C 65 29.67 14.62 2.65
N ASN C 66 30.85 14.36 3.19
CA ASN C 66 32.11 14.98 2.72
C ASN C 66 32.61 14.19 1.52
N VAL C 67 32.60 14.81 0.34
CA VAL C 67 32.98 14.15 -0.95
C VAL C 67 34.12 14.92 -1.59
N ARG C 68 34.85 14.25 -2.50
CA ARG C 68 35.98 14.85 -3.21
C ARG C 68 36.19 14.08 -4.51
N ASN C 69 36.79 14.72 -5.51
CA ASN C 69 37.20 14.01 -6.74
C ASN C 69 38.33 14.75 -7.42
N ASP C 70 39.52 14.15 -7.34
CA ASP C 70 40.83 14.68 -7.82
C ASP C 70 41.03 14.34 -9.30
N SER C 71 40.12 13.55 -9.88
CA SER C 71 40.36 12.82 -11.15
C SER C 71 39.61 13.49 -12.30
N ASP C 72 39.92 13.06 -13.53
CA ASP C 72 39.24 13.50 -14.77
C ASP C 72 37.96 12.69 -15.01
N LYS C 73 37.68 11.70 -14.16
CA LYS C 73 36.56 10.73 -14.34
C LYS C 73 35.52 11.03 -13.28
N TRP C 74 34.31 10.56 -13.52
CA TRP C 74 33.23 10.60 -12.51
C TRP C 74 33.55 9.62 -11.38
N LYS C 75 33.15 9.96 -10.15
CA LYS C 75 33.22 9.00 -9.02
C LYS C 75 31.80 8.67 -8.59
N PHE C 76 31.45 7.40 -8.61
CA PHE C 76 30.15 6.88 -8.14
C PHE C 76 30.42 6.21 -6.81
N LEU C 77 30.10 6.91 -5.72
CA LEU C 77 30.32 6.38 -4.35
C LEU C 77 29.13 5.50 -3.98
N GLU C 78 29.37 4.23 -3.68
CA GLU C 78 28.35 3.37 -3.03
C GLU C 78 28.32 3.74 -1.54
N MET C 79 27.20 4.25 -1.06
CA MET C 79 27.01 4.49 0.39
C MET C 79 26.13 3.38 0.93
N PHE C 80 26.62 2.65 1.92
CA PHE C 80 25.92 1.47 2.49
C PHE C 80 25.66 1.64 3.98
N ARG C 81 24.53 1.15 4.43
CA ARG C 81 24.27 0.88 5.86
C ARG C 81 23.45 -0.38 5.98
N GLY C 82 23.66 -1.12 7.06
CA GLY C 82 23.11 -2.46 7.28
C GLY C 82 21.92 -2.42 8.22
N SER C 83 21.51 -1.22 8.64
CA SER C 83 20.38 -1.05 9.59
C SER C 83 19.99 0.43 9.63
N SER C 84 18.72 0.69 9.92
CA SER C 84 18.11 2.04 10.01
C SER C 84 18.90 2.94 10.97
N GLN C 85 19.49 2.39 12.04
CA GLN C 85 20.30 3.15 13.05
C GLN C 85 21.66 3.58 12.47
N ASN C 86 22.33 2.70 11.72
CA ASN C 86 23.77 2.78 11.41
C ASN C 86 24.05 3.97 10.49
N ASP C 87 25.23 4.55 10.62
CA ASP C 87 25.72 5.60 9.69
C ASP C 87 26.03 4.95 8.33
N PHE C 88 25.82 5.71 7.25
CA PHE C 88 26.29 5.29 5.91
C PHE C 88 27.81 5.34 5.89
N TYR C 89 28.43 4.44 5.14
CA TYR C 89 29.88 4.50 4.84
C TYR C 89 30.07 4.14 3.36
N ASN C 90 31.14 4.66 2.80
CA ASN C 90 31.55 4.44 1.40
C ASN C 90 32.10 3.02 1.28
N ARG C 91 31.24 2.06 0.93
CA ARG C 91 31.63 0.63 0.84
C ARG C 91 32.45 0.39 -0.43
N ARG C 92 32.06 1.00 -1.54
CA ARG C 92 32.70 0.76 -2.86
C ARG C 92 32.76 2.06 -3.64
N THR C 93 33.69 2.17 -4.57
CA THR C 93 33.74 3.32 -5.52
C THR C 93 33.92 2.78 -6.95
N LEU C 94 33.13 3.33 -7.88
CA LEU C 94 33.31 3.15 -9.34
C LEU C 94 33.84 4.46 -9.93
N THR C 95 35.02 4.43 -10.51
CA THR C 95 35.68 5.59 -11.18
C THR C 95 35.54 5.38 -12.67
N SER C 96 34.84 6.27 -13.36
CA SER C 96 34.21 5.99 -14.67
C SER C 96 34.20 7.23 -15.54
N ASP C 97 34.61 7.05 -16.79
CA ASP C 97 34.42 8.06 -17.86
C ASP C 97 33.10 7.77 -18.60
N THR C 98 32.48 6.62 -18.38
CA THR C 98 31.28 6.23 -19.20
C THR C 98 30.00 6.72 -18.53
N ARG C 99 30.01 6.85 -17.21
CA ARG C 99 28.87 7.32 -16.36
C ARG C 99 27.75 6.26 -16.33
N LEU C 100 28.07 5.01 -16.62
CA LEU C 100 27.12 3.90 -16.53
C LEU C 100 27.34 3.11 -15.24
N VAL C 101 26.27 2.92 -14.48
CA VAL C 101 26.29 2.22 -13.18
C VAL C 101 25.38 0.99 -13.30
N GLY C 102 25.83 -0.16 -12.79
CA GLY C 102 25.12 -1.41 -12.97
C GLY C 102 24.72 -2.06 -11.66
N ILE C 103 23.54 -2.68 -11.64
CA ILE C 103 23.11 -3.52 -10.49
C ILE C 103 22.29 -4.72 -10.99
N LEU C 104 22.52 -5.85 -10.32
CA LEU C 104 21.93 -7.16 -10.63
C LEU C 104 21.52 -7.84 -9.34
N LYS C 105 20.32 -8.39 -9.34
CA LYS C 105 19.85 -9.31 -8.28
C LYS C 105 19.99 -10.75 -8.78
N TYR C 106 20.79 -11.55 -8.08
CA TYR C 106 21.13 -12.93 -8.52
C TYR C 106 21.67 -13.74 -7.33
N GLY C 107 21.16 -14.97 -7.17
CA GLY C 107 21.73 -15.97 -6.24
C GLY C 107 21.86 -15.45 -4.82
N GLY C 108 20.84 -14.77 -4.32
CA GLY C 108 20.80 -14.26 -2.94
C GLY C 108 21.68 -13.05 -2.75
N ARG C 109 22.18 -12.47 -3.85
CA ARG C 109 23.18 -11.37 -3.77
C ARG C 109 22.79 -10.22 -4.69
N ILE C 110 23.24 -9.03 -4.30
CA ILE C 110 23.28 -7.83 -5.18
C ILE C 110 24.69 -7.75 -5.75
N TRP C 111 24.79 -7.61 -7.07
CA TRP C 111 26.05 -7.46 -7.81
C TRP C 111 26.13 -6.03 -8.33
N THR C 112 27.25 -5.38 -8.10
CA THR C 112 27.51 -4.05 -8.71
C THR C 112 28.90 -4.05 -9.33
N PHE C 113 29.25 -2.97 -10.03
CA PHE C 113 30.60 -2.75 -10.60
C PHE C 113 31.34 -1.75 -9.73
N HIS C 114 32.63 -2.01 -9.49
CA HIS C 114 33.52 -1.11 -8.73
C HIS C 114 34.90 -1.11 -9.39
N GLY C 115 35.76 -0.21 -8.91
CA GLY C 115 37.09 0.00 -9.47
C GLY C 115 37.04 1.02 -10.60
N GLU C 116 37.96 0.96 -11.54
CA GLU C 116 38.19 2.11 -12.45
C GLU C 116 38.11 1.63 -13.91
N THR C 117 37.21 2.22 -14.69
CA THR C 117 37.05 1.90 -16.12
C THR C 117 38.39 2.12 -16.78
N PRO C 118 38.86 1.29 -17.74
CA PRO C 118 38.05 0.25 -18.38
C PRO C 118 38.17 -1.16 -17.77
N ARG C 119 38.63 -1.25 -16.53
CA ARG C 119 38.78 -2.54 -15.79
C ARG C 119 37.95 -2.54 -14.51
N ALA C 120 36.78 -1.94 -14.53
CA ALA C 120 35.78 -2.06 -13.45
C ALA C 120 35.28 -3.51 -13.42
N THR C 121 35.19 -4.11 -12.23
CA THR C 121 34.79 -5.52 -12.06
C THR C 121 33.56 -5.60 -11.15
N THR C 122 32.87 -6.73 -11.23
CA THR C 122 31.64 -7.00 -10.46
C THR C 122 32.03 -7.44 -9.04
N ASP C 123 31.21 -7.09 -8.06
CA ASP C 123 31.36 -7.57 -6.67
C ASP C 123 29.97 -7.82 -6.13
N SER C 124 29.87 -8.59 -5.05
CA SER C 124 28.58 -9.06 -4.48
C SER C 124 28.42 -8.53 -3.06
N SER C 125 27.17 -8.24 -2.69
CA SER C 125 26.73 -7.92 -1.31
C SER C 125 25.71 -8.99 -0.94
N ASN C 126 25.84 -9.57 0.24
CA ASN C 126 24.91 -10.64 0.70
C ASN C 126 23.72 -9.94 1.34
N THR C 127 22.54 -10.55 1.27
CA THR C 127 21.36 -10.01 1.98
C THR C 127 20.48 -11.16 2.43
N ALA C 128 19.81 -11.01 3.59
CA ALA C 128 18.87 -12.00 4.16
C ALA C 128 17.48 -11.72 3.59
N ASN C 129 17.31 -10.70 2.73
CA ASN C 129 15.96 -10.42 2.18
C ASN C 129 16.10 -9.76 0.80
N LEU C 130 16.56 -10.55 -0.15
CA LEU C 130 16.82 -10.12 -1.55
C LEU C 130 15.50 -9.69 -2.21
N ASN C 131 14.45 -10.48 -2.03
CA ASN C 131 13.19 -10.28 -2.78
C ASN C 131 12.53 -8.96 -2.33
N GLY C 132 12.81 -8.50 -1.11
CA GLY C 132 12.22 -7.26 -0.57
C GLY C 132 12.98 -6.01 -1.03
N ILE C 133 14.07 -6.16 -1.79
CA ILE C 133 14.87 -4.98 -2.23
C ILE C 133 14.14 -4.29 -3.40
N SER C 134 13.78 -3.03 -3.20
CA SER C 134 13.28 -2.18 -4.31
C SER C 134 14.25 -1.02 -4.52
N ILE C 135 14.10 -0.33 -5.63
CA ILE C 135 15.11 0.66 -6.05
C ILE C 135 14.38 1.86 -6.63
N THR C 136 14.86 3.06 -6.29
CA THR C 136 14.47 4.33 -6.93
C THR C 136 15.66 4.77 -7.80
N ILE C 137 15.41 4.86 -9.11
CA ILE C 137 16.44 5.26 -10.12
C ILE C 137 16.13 6.69 -10.56
N HIS C 138 17.13 7.55 -10.47
CA HIS C 138 16.99 9.02 -10.64
C HIS C 138 17.35 9.39 -12.07
N SER C 139 17.86 8.47 -12.87
CA SER C 139 18.25 8.75 -14.28
C SER C 139 17.64 7.72 -15.21
N GLU C 140 17.75 7.93 -16.53
CA GLU C 140 17.29 6.95 -17.54
C GLU C 140 18.03 5.63 -17.29
N PHE C 141 17.42 4.47 -17.56
CA PHE C 141 18.14 3.20 -17.36
C PHE C 141 17.75 2.17 -18.42
N TYR C 142 18.53 1.11 -18.52
CA TYR C 142 18.37 -0.03 -19.47
C TYR C 142 18.34 -1.32 -18.66
N ILE C 143 17.78 -2.37 -19.26
CA ILE C 143 17.64 -3.71 -18.64
C ILE C 143 18.25 -4.75 -19.59
N ILE C 144 19.25 -5.49 -19.15
CA ILE C 144 19.91 -6.54 -19.97
C ILE C 144 19.90 -7.85 -19.21
N PRO C 145 19.57 -9.00 -19.85
CA PRO C 145 20.01 -10.29 -19.35
C PRO C 145 21.54 -10.36 -19.16
N ASN C 153 29.04 -5.06 -19.10
CA ASN C 153 30.50 -5.06 -18.77
C ASN C 153 31.28 -4.26 -19.82
N GLU C 154 31.26 -4.67 -21.08
CA GLU C 154 31.69 -3.81 -22.21
C GLU C 154 30.98 -2.46 -22.06
N TYR C 155 29.68 -2.49 -21.74
CA TYR C 155 28.81 -1.30 -21.57
C TYR C 155 29.33 -0.43 -20.43
N ILE C 156 29.60 -1.03 -19.28
CA ILE C 156 30.10 -0.29 -18.07
C ILE C 156 31.47 0.29 -18.40
N ASN C 157 32.34 -0.54 -18.95
CA ASN C 157 33.78 -0.26 -19.15
C ASN C 157 34.02 0.59 -20.39
N ASN C 158 33.17 0.50 -21.43
CA ASN C 158 33.47 1.14 -22.74
C ASN C 158 32.30 1.97 -23.28
N GLY C 159 31.08 1.76 -22.76
CA GLY C 159 29.89 2.55 -23.14
C GLY C 159 28.89 1.72 -23.92
C2 BGC D . 32.07 -7.76 1.35
C3 BGC D . 32.65 -6.92 0.18
C4 BGC D . 32.72 -5.34 0.42
C5 BGC D . 32.94 -5.23 1.93
C6 BGC D . 33.13 -3.77 2.36
C1 BGC D . 32.26 -7.25 2.93
O1 BGC D . 31.09 -7.99 3.25
O2 BGC D . 32.81 -8.99 1.43
O3 BGC D . 31.82 -7.19 -0.96
O4 BGC D . 33.75 -4.64 -0.27
O5 BGC D . 31.85 -5.88 2.65
O6 BGC D . 32.25 -3.48 3.42
C1 GAL D . 34.71 -5.62 -0.68
C2 GAL D . 35.40 -5.15 -1.98
C3 GAL D . 36.96 -5.22 -2.01
C4 GAL D . 37.51 -6.39 -1.11
C5 GAL D . 36.46 -6.93 -0.08
C6 GAL D . 37.12 -7.59 1.15
O2 GAL D . 34.94 -6.00 -3.01
O3 GAL D . 37.47 -3.95 -1.60
O4 GAL D . 38.69 -5.96 -0.43
O5 GAL D . 35.63 -5.86 0.35
O6 GAL D . 36.12 -7.81 2.15
C1 NAG D . 37.88 -2.81 -2.52
C2 NAG D . 38.77 -3.14 -3.80
C3 NAG D . 39.35 -1.79 -4.33
C4 NAG D . 38.10 -0.93 -4.64
C5 NAG D . 37.35 -0.63 -3.35
C6 NAG D . 36.20 0.33 -3.52
C7 NAG D . 40.01 -5.22 -4.17
C8 NAG D . 41.12 -6.13 -3.64
N2 NAG D . 39.84 -4.08 -3.49
O3 NAG D . 40.18 -1.98 -5.53
O4 NAG D . 38.31 0.21 -5.55
O5 NAG D . 36.78 -1.88 -2.89
O6 NAG D . 35.45 0.07 -4.71
O7 NAG D . 39.35 -5.53 -5.15
C1 GAL D . 41.61 -1.75 -5.36
C2 GAL D . 42.23 -1.82 -6.75
C3 GAL D . 43.75 -1.67 -6.65
C4 GAL D . 44.13 -0.37 -5.94
C5 GAL D . 43.45 -0.30 -4.56
C6 GAL D . 43.89 1.02 -3.85
O2 GAL D . 41.96 -3.10 -7.29
O3 GAL D . 44.29 -1.63 -7.96
O4 GAL D . 43.70 0.73 -6.74
O5 GAL D . 42.01 -0.49 -4.73
O6 GAL D . 42.78 1.80 -3.36
C1 FUC D . 41.48 -3.16 -8.67
C2 FUC D . 41.70 -4.60 -9.13
C3 FUC D . 40.68 -5.56 -8.55
C4 FUC D . 39.25 -5.03 -8.64
C5 FUC D . 39.24 -3.63 -8.06
C6 FUC D . 37.82 -3.09 -7.99
O2 FUC D . 42.96 -5.11 -8.64
O3 FUC D . 40.82 -6.77 -9.28
O4 FUC D . 38.82 -5.02 -10.00
O5 FUC D . 40.10 -2.77 -8.87
C1 FUC D . 39.10 1.31 -5.25
C2 FUC D . 40.11 1.61 -6.39
C3 FUC D . 40.06 3.05 -6.79
C4 FUC D . 40.01 3.96 -5.56
C5 FUC D . 38.77 3.60 -4.68
C6 FUC D . 39.08 3.39 -3.17
O2 FUC D . 39.86 0.84 -7.57
O3 FUC D . 41.23 3.24 -7.53
O4 FUC D . 41.20 3.79 -4.83
O5 FUC D . 38.16 2.39 -5.21
C1 GAL E . -22.09 -2.21 6.52
C2 GAL E . -23.35 -2.62 7.34
C3 GAL E . -23.18 -2.51 8.84
C4 GAL E . -22.35 -1.27 9.30
C5 GAL E . -21.38 -0.76 8.22
C6 GAL E . -20.13 -0.11 8.84
O1 GAL E . -21.62 -3.30 5.76
O2 GAL E . -24.47 -1.79 7.03
O3 GAL E . -22.54 -3.68 9.20
O4 GAL E . -21.65 -1.60 10.54
O5 GAL E . -20.98 -1.84 7.36
O6 GAL E . -19.81 1.12 8.16
C1 NAG E . -23.04 -4.65 10.15
C2 NAG E . -24.46 -4.63 10.79
C3 NAG E . -24.42 -5.81 11.75
C4 NAG E . -24.10 -7.11 10.97
C5 NAG E . -22.84 -6.93 10.17
C6 NAG E . -22.57 -8.07 9.20
C7 NAG E . -25.67 -2.47 11.18
C8 NAG E . -25.77 -1.24 12.09
N2 NAG E . -24.74 -3.39 11.56
O3 NAG E . -25.66 -5.97 12.41
O4 NAG E . -23.95 -8.22 11.88
O5 NAG E . -23.00 -5.79 9.34
O6 NAG E . -23.76 -8.42 8.48
O7 NAG E . -26.37 -2.53 10.15
C1 GAL E . -25.61 -5.80 13.87
C2 GAL E . -27.07 -5.90 14.38
C3 GAL E . -27.15 -5.72 15.88
C4 GAL E . -26.22 -6.68 16.61
C5 GAL E . -24.79 -6.54 16.09
C6 GAL E . -23.93 -7.50 16.97
O2 GAL E . -27.87 -4.87 13.80
O3 GAL E . -28.46 -6.04 16.22
O4 GAL E . -26.69 -8.06 16.42
O5 GAL E . -24.74 -6.78 14.61
O6 GAL E . -22.59 -7.64 16.48
C1 FUC E . -29.14 -5.34 13.26
C2 FUC E . -30.09 -4.13 13.01
C3 FUC E . -29.60 -3.30 11.84
C4 FUC E . -29.46 -4.24 10.60
C5 FUC E . -28.41 -5.26 10.94
C6 FUC E . -28.09 -6.15 9.72
O2 FUC E . -30.17 -3.30 14.19
O3 FUC E . -30.51 -2.22 11.59
O4 FUC E . -30.74 -4.97 10.26
O5 FUC E . -28.91 -6.07 12.03
C1 FUC E . -24.53 -9.45 11.44
C2 FUC E . -23.79 -10.60 12.07
C3 FUC E . -24.07 -10.66 13.56
C4 FUC E . -25.56 -10.74 13.87
C5 FUC E . -26.27 -9.57 13.19
C6 FUC E . -27.80 -9.72 13.32
O2 FUC E . -22.39 -10.44 11.85
O3 FUC E . -23.43 -11.83 14.07
O4 FUC E . -26.06 -11.99 13.41
O5 FUC E . -25.92 -9.51 11.77
C1 GOL F . 9.98 7.07 2.48
O1 GOL F . 10.63 7.63 1.34
C2 GOL F . 8.61 6.49 2.15
O2 GOL F . 8.68 5.68 0.97
C3 GOL F . 8.02 5.69 3.29
O3 GOL F . 6.97 4.83 2.88
C1 GOL G . 13.39 5.35 -2.25
O1 GOL G . 13.68 6.32 -1.24
C2 GOL G . 13.69 3.94 -1.80
O2 GOL G . 12.93 3.64 -0.63
C3 GOL G . 13.39 2.90 -2.86
O3 GOL G . 13.25 1.59 -2.30
#